data_7EPQ
#
_entry.id   7EPQ
#
_cell.length_a   64.430
_cell.length_b   86.610
_cell.length_c   122.920
_cell.angle_alpha   90.000
_cell.angle_beta   90.000
_cell.angle_gamma   90.000
#
_symmetry.space_group_name_H-M   'P 21 21 21'
#
loop_
_entity.id
_entity.type
_entity.pdbx_description
1 polymer 'Putative exopolyphosphatase'
2 non-polymer 'SULFATE ION'
3 non-polymer 'MAGNESIUM ION'
4 water water
#
_entity_poly.entity_id   1
_entity_poly.type   'polypeptide(L)'
_entity_poly.pdbx_seq_one_letter_code
;GPLGSMEKVHYAAIDVGSNAVRLLIKCVNSEGMEEPLSKVLIMRVPIRLGEDSFTKGYIGEEKADNMVRLMRAYNEMMQI
YRVKDYRACATSAMRDASNAEAVIAQIREKTGIHIDIIDGDEEARLVSDNHIEQIISDGGNYIYLDVGGGSTELTLFSDT
HIKHSQSFDIGTVRLLSEKVRPYVREAFRSELMAITKEYTDITIIGTGGNINRLVRLSGSDRGSSRYSIMPVEALHKTYD
LLKPISTEERMVRFHLKPDRADVIIPAAEIFLEVADITGAKTIIAPIVGLADGIIEDLYIRHQSRPS
;
_entity_poly.pdbx_strand_id   A,B
#
loop_
_chem_comp.id
_chem_comp.type
_chem_comp.name
_chem_comp.formula
MG non-polymer 'MAGNESIUM ION' 'Mg 2'
SO4 non-polymer 'SULFATE ION' 'O4 S -2'
#
# COMPACT_ATOMS: atom_id res chain seq x y z
N LYS A 8 -19.66 5.36 9.75
CA LYS A 8 -20.08 5.22 8.37
C LYS A 8 -19.83 6.50 7.58
N VAL A 9 -19.29 7.55 8.22
CA VAL A 9 -18.99 8.79 7.51
C VAL A 9 -17.57 8.70 6.93
N HIS A 10 -17.45 8.93 5.63
CA HIS A 10 -16.15 8.92 4.96
C HIS A 10 -15.87 10.26 4.30
N TYR A 11 -14.60 10.66 4.40
CA TYR A 11 -14.06 11.83 3.69
C TYR A 11 -12.90 11.35 2.82
N ALA A 12 -12.67 12.06 1.72
CA ALA A 12 -11.59 11.71 0.81
C ALA A 12 -10.75 12.94 0.46
N ALA A 13 -9.48 12.67 0.16
CA ALA A 13 -8.54 13.67 -0.31
C ALA A 13 -7.85 13.16 -1.55
N ILE A 14 -7.65 14.02 -2.54
CA ILE A 14 -6.86 13.69 -3.71
C ILE A 14 -5.68 14.63 -3.74
N ASP A 15 -4.47 14.05 -3.69
CA ASP A 15 -3.22 14.81 -3.58
C ASP A 15 -2.51 14.66 -4.92
N VAL A 16 -2.52 15.73 -5.71
CA VAL A 16 -1.92 15.73 -7.02
C VAL A 16 -0.53 16.34 -6.89
N GLY A 17 0.44 15.51 -6.53
CA GLY A 17 1.82 15.96 -6.37
C GLY A 17 2.59 15.86 -7.66
N SER A 18 3.92 15.87 -7.52
CA SER A 18 4.78 15.95 -8.69
C SER A 18 5.39 14.60 -9.07
N ASN A 19 5.27 13.58 -8.20
CA ASN A 19 5.60 12.21 -8.57
C ASN A 19 4.28 11.43 -8.56
N ALA A 20 3.91 10.79 -7.47
CA ALA A 20 2.64 10.07 -7.49
C ALA A 20 1.45 11.01 -7.22
N VAL A 21 0.28 10.56 -7.64
CA VAL A 21 -1.00 11.22 -7.38
C VAL A 21 -1.83 10.28 -6.52
N ARG A 22 -2.27 10.77 -5.35
CA ARG A 22 -2.85 9.93 -4.32
C ARG A 22 -4.33 10.20 -4.10
N LEU A 23 -5.03 9.14 -3.74
CA LEU A 23 -6.36 9.20 -3.15
C LEU A 23 -6.27 8.66 -1.74
N LEU A 24 -6.85 9.39 -0.79
CA LEU A 24 -6.94 8.90 0.58
C LEU A 24 -8.37 9.01 1.07
N ILE A 25 -8.90 7.93 1.63
CA ILE A 25 -10.21 7.92 2.25
C ILE A 25 -10.06 7.49 3.70
N LYS A 26 -10.77 8.20 4.57
CA LYS A 26 -10.74 7.97 6.00
C LYS A 26 -12.16 7.89 6.50
N CYS A 27 -12.37 7.15 7.59
CA CYS A 27 -13.68 7.09 8.22
C CYS A 27 -13.65 7.85 9.54
N VAL A 28 -14.78 8.42 9.91
CA VAL A 28 -14.94 9.01 11.23
C VAL A 28 -15.18 7.88 12.23
N ASN A 29 -14.35 7.84 13.27
CA ASN A 29 -14.43 6.77 14.26
C ASN A 29 -15.48 7.09 15.33
N SER A 30 -15.70 6.14 16.24
CA SER A 30 -16.52 6.38 17.42
C SER A 30 -15.82 7.36 18.38
N GLU A 31 -16.62 7.93 19.29
CA GLU A 31 -16.14 9.01 20.15
C GLU A 31 -15.01 8.54 21.07
N GLY A 32 -15.19 7.38 21.71
CA GLY A 32 -14.20 6.92 22.67
C GLY A 32 -12.82 6.66 22.10
N MET A 33 -12.72 6.48 20.79
CA MET A 33 -11.45 6.16 20.15
C MET A 33 -10.48 7.34 20.29
N GLU A 34 -9.20 7.07 20.06
CA GLU A 34 -8.21 8.14 20.16
C GLU A 34 -8.29 9.07 18.94
N GLU A 35 -7.67 8.68 17.83
CA GLU A 35 -7.79 9.49 16.63
C GLU A 35 -9.25 9.57 16.23
N PRO A 36 -9.77 10.76 15.89
CA PRO A 36 -11.13 10.84 15.34
C PRO A 36 -11.25 10.16 13.99
N LEU A 37 -10.14 9.91 13.28
CA LEU A 37 -10.19 9.53 11.87
C LEU A 37 -9.24 8.38 11.60
N SER A 38 -9.73 7.38 10.84
CA SER A 38 -8.91 6.24 10.46
C SER A 38 -8.89 6.07 8.95
N LYS A 39 -7.70 5.78 8.43
CA LYS A 39 -7.51 5.48 7.02
C LYS A 39 -8.20 4.18 6.63
N VAL A 40 -8.99 4.20 5.56
CA VAL A 40 -9.62 2.98 5.08
C VAL A 40 -9.14 2.58 3.70
N LEU A 41 -8.60 3.51 2.90
CA LEU A 41 -8.19 3.22 1.54
C LEU A 41 -7.12 4.23 1.15
N ILE A 42 -6.05 3.77 0.50
CA ILE A 42 -5.00 4.64 -0.01
C ILE A 42 -4.57 4.14 -1.39
N MET A 43 -4.53 5.05 -2.36
CA MET A 43 -4.06 4.77 -3.70
C MET A 43 -2.96 5.74 -4.08
N ARG A 44 -1.99 5.23 -4.83
CA ARG A 44 -0.79 5.97 -5.18
C ARG A 44 -0.44 5.61 -6.62
N VAL A 45 -0.63 6.53 -7.55
CA VAL A 45 -0.40 6.27 -8.98
C VAL A 45 0.66 7.26 -9.48
N PRO A 46 1.78 6.77 -10.02
CA PRO A 46 2.96 7.61 -10.39
C PRO A 46 2.87 8.34 -11.72
N ILE A 47 1.98 9.33 -11.82
CA ILE A 47 1.85 10.10 -13.05
C ILE A 47 3.14 10.86 -13.36
N ARG A 48 3.87 11.29 -12.34
CA ARG A 48 5.05 12.15 -12.44
C ARG A 48 4.82 13.34 -13.38
N LEU A 49 3.85 14.17 -12.99
CA LEU A 49 3.62 15.43 -13.70
C LEU A 49 4.84 16.32 -13.71
N GLY A 50 5.69 16.24 -12.67
CA GLY A 50 6.83 17.15 -12.58
C GLY A 50 7.85 16.91 -13.66
N GLU A 51 7.94 15.67 -14.14
CA GLU A 51 8.83 15.34 -15.25
C GLU A 51 8.51 16.18 -16.48
N ASP A 52 7.23 16.43 -16.73
CA ASP A 52 6.81 17.35 -17.78
C ASP A 52 7.00 18.80 -17.35
N SER A 53 6.45 19.14 -16.19
CA SER A 53 6.38 20.51 -15.73
C SER A 53 7.78 21.13 -15.61
N PHE A 54 8.71 20.40 -15.00
CA PHE A 54 9.98 21.01 -14.64
C PHE A 54 10.95 21.04 -15.81
N THR A 55 10.70 20.25 -16.86
CA THR A 55 11.54 20.24 -18.04
C THR A 55 10.88 20.85 -19.27
N LYS A 56 9.57 20.72 -19.42
CA LYS A 56 8.87 21.33 -20.55
C LYS A 56 8.24 22.67 -20.20
N GLY A 57 7.93 22.91 -18.93
CA GLY A 57 7.20 24.09 -18.54
C GLY A 57 5.69 23.93 -18.54
N TYR A 58 5.16 22.78 -18.98
CA TYR A 58 3.73 22.53 -19.07
C TYR A 58 3.48 21.03 -18.90
N ILE A 59 2.21 20.67 -18.72
CA ILE A 59 1.81 19.26 -18.69
C ILE A 59 1.53 18.81 -20.12
N GLY A 60 2.25 17.79 -20.58
CA GLY A 60 2.01 17.24 -21.90
C GLY A 60 0.68 16.51 -22.02
N GLU A 61 0.33 16.16 -23.25
CA GLU A 61 -1.01 15.64 -23.51
C GLU A 61 -1.20 14.25 -22.92
N GLU A 62 -0.15 13.42 -22.96
CA GLU A 62 -0.24 12.03 -22.44
C GLU A 62 -0.56 12.05 -20.94
N LYS A 63 0.16 12.89 -20.17
CA LYS A 63 -0.09 12.96 -18.73
C LYS A 63 -1.42 13.64 -18.41
N ALA A 64 -1.81 14.64 -19.21
CA ALA A 64 -3.12 15.26 -19.01
C ALA A 64 -4.23 14.24 -19.20
N ASP A 65 -4.13 13.45 -20.27
CA ASP A 65 -5.13 12.42 -20.53
C ASP A 65 -5.10 11.34 -19.44
N ASN A 66 -3.92 10.92 -19.02
CA ASN A 66 -3.83 9.96 -17.92
C ASN A 66 -4.44 10.52 -16.63
N MET A 67 -4.24 11.82 -16.39
CA MET A 67 -4.86 12.46 -15.22
C MET A 67 -6.39 12.40 -15.29
N VAL A 68 -6.96 12.58 -16.48
CA VAL A 68 -8.40 12.41 -16.63
C VAL A 68 -8.80 10.99 -16.28
N ARG A 69 -8.10 10.00 -16.85
CA ARG A 69 -8.41 8.61 -16.54
C ARG A 69 -8.32 8.36 -15.04
N LEU A 70 -7.23 8.85 -14.42
CA LEU A 70 -7.04 8.65 -12.99
C LEU A 70 -8.16 9.29 -12.20
N MET A 71 -8.56 10.51 -12.58
CA MET A 71 -9.59 11.18 -11.82
C MET A 71 -10.92 10.45 -11.95
N ARG A 72 -11.17 9.82 -13.09
CA ARG A 72 -12.35 8.97 -13.20
C ARG A 72 -12.26 7.81 -12.23
N ALA A 73 -11.10 7.14 -12.21
CA ALA A 73 -10.93 6.00 -11.32
C ALA A 73 -11.15 6.42 -9.87
N TYR A 74 -10.50 7.50 -9.44
CA TYR A 74 -10.68 7.98 -8.07
C TYR A 74 -12.11 8.42 -7.81
N ASN A 75 -12.80 8.90 -8.85
CA ASN A 75 -14.19 9.26 -8.66
C ASN A 75 -15.04 8.01 -8.35
N GLU A 76 -14.83 6.93 -9.12
CA GLU A 76 -15.54 5.68 -8.84
C GLU A 76 -15.29 5.21 -7.41
N MET A 77 -14.04 5.30 -6.96
CA MET A 77 -13.72 4.87 -5.61
C MET A 77 -14.40 5.75 -4.57
N MET A 78 -14.46 7.05 -4.81
CA MET A 78 -15.17 7.93 -3.88
C MET A 78 -16.66 7.61 -3.87
N GLN A 79 -17.22 7.27 -5.03
CA GLN A 79 -18.61 6.85 -5.10
C GLN A 79 -18.85 5.54 -4.33
N ILE A 80 -17.92 4.57 -4.46
CA ILE A 80 -18.06 3.31 -3.74
C ILE A 80 -18.18 3.55 -2.24
N TYR A 81 -17.37 4.46 -1.71
CA TYR A 81 -17.40 4.75 -0.28
C TYR A 81 -18.42 5.82 0.10
N ARG A 82 -19.20 6.32 -0.85
CA ARG A 82 -20.27 7.29 -0.60
C ARG A 82 -19.75 8.45 0.26
N VAL A 83 -18.58 8.97 -0.12
CA VAL A 83 -17.90 9.95 0.72
C VAL A 83 -18.77 11.19 0.89
N LYS A 84 -18.73 11.75 2.10
CA LYS A 84 -19.56 12.91 2.39
C LYS A 84 -19.00 14.15 1.71
N ASP A 85 -17.68 14.28 1.65
CA ASP A 85 -17.05 15.47 1.10
C ASP A 85 -15.65 15.10 0.69
N TYR A 86 -15.06 15.90 -0.19
CA TYR A 86 -13.68 15.69 -0.58
C TYR A 86 -13.09 17.03 -1.02
N ARG A 87 -11.77 17.05 -1.12
CA ARG A 87 -11.02 18.12 -1.75
C ARG A 87 -9.87 17.48 -2.49
N ALA A 88 -9.56 18.05 -3.66
CA ALA A 88 -8.42 17.65 -4.46
C ALA A 88 -7.49 18.86 -4.60
N CYS A 89 -6.24 18.69 -4.17
CA CYS A 89 -5.24 19.75 -4.26
C CYS A 89 -4.06 19.32 -5.13
N ALA A 90 -3.53 20.27 -5.89
CA ALA A 90 -2.32 20.07 -6.68
C ALA A 90 -1.27 21.06 -6.21
N THR A 91 0.00 20.65 -6.31
CA THR A 91 1.09 21.44 -5.75
C THR A 91 2.12 21.78 -6.84
N SER A 92 3.41 21.53 -6.58
CA SER A 92 4.49 22.15 -7.38
C SER A 92 4.31 21.96 -8.87
N ALA A 93 4.08 20.72 -9.31
CA ALA A 93 4.13 20.46 -10.75
C ALA A 93 3.00 21.18 -11.49
N MET A 94 1.84 21.33 -10.85
CA MET A 94 0.75 22.13 -11.41
C MET A 94 0.96 23.63 -11.23
N ARG A 95 1.48 24.05 -10.08
CA ARG A 95 1.90 25.44 -9.92
C ARG A 95 2.79 25.90 -11.06
N ASP A 96 3.79 25.08 -11.42
CA ASP A 96 4.83 25.47 -12.37
C ASP A 96 4.46 25.21 -13.82
N ALA A 97 3.36 24.52 -14.08
CA ALA A 97 2.95 24.26 -15.46
C ALA A 97 2.22 25.48 -16.02
N SER A 98 2.57 25.86 -17.25
CA SER A 98 1.93 27.01 -17.88
C SER A 98 0.48 26.71 -18.27
N ASN A 99 0.17 25.46 -18.65
CA ASN A 99 -1.18 25.07 -19.01
C ASN A 99 -1.97 24.46 -17.84
N ALA A 100 -1.63 24.81 -16.61
CA ALA A 100 -2.29 24.22 -15.45
C ALA A 100 -3.81 24.44 -15.48
N GLU A 101 -4.24 25.66 -15.76
CA GLU A 101 -5.70 25.93 -15.73
C GLU A 101 -6.42 25.12 -16.81
N ALA A 102 -5.86 25.04 -18.01
CA ALA A 102 -6.49 24.23 -19.04
C ALA A 102 -6.59 22.77 -18.64
N VAL A 103 -5.52 22.21 -18.06
CA VAL A 103 -5.52 20.81 -17.65
C VAL A 103 -6.60 20.56 -16.59
N ILE A 104 -6.71 21.48 -15.62
CA ILE A 104 -7.70 21.31 -14.57
C ILE A 104 -9.12 21.42 -15.12
N ALA A 105 -9.34 22.34 -16.06
CA ALA A 105 -10.66 22.52 -16.62
C ALA A 105 -11.07 21.31 -17.44
N GLN A 106 -10.14 20.73 -18.20
CA GLN A 106 -10.45 19.48 -18.90
C GLN A 106 -10.88 18.40 -17.90
N ILE A 107 -10.23 18.36 -16.73
CA ILE A 107 -10.55 17.31 -15.76
C ILE A 107 -11.95 17.49 -15.17
N ARG A 108 -12.33 18.72 -14.76
CA ARG A 108 -13.74 18.94 -14.41
C ARG A 108 -14.67 18.51 -15.52
N GLU A 109 -14.44 19.04 -16.73
CA GLU A 109 -15.41 18.77 -17.79
C GLU A 109 -15.60 17.28 -17.96
N LYS A 110 -14.51 16.52 -17.94
CA LYS A 110 -14.55 15.10 -18.27
C LYS A 110 -14.85 14.19 -17.08
N THR A 111 -14.69 14.66 -15.84
CA THR A 111 -14.82 13.77 -14.68
C THR A 111 -15.64 14.33 -13.53
N GLY A 112 -15.86 15.64 -13.46
CA GLY A 112 -16.54 16.23 -12.33
C GLY A 112 -15.63 16.59 -11.18
N ILE A 113 -14.40 16.11 -11.17
CA ILE A 113 -13.48 16.38 -10.07
C ILE A 113 -12.92 17.78 -10.23
N HIS A 114 -13.02 18.60 -9.19
CA HIS A 114 -12.44 19.94 -9.15
C HIS A 114 -11.13 19.92 -8.37
N ILE A 115 -10.01 20.25 -9.03
CA ILE A 115 -8.71 20.35 -8.39
C ILE A 115 -8.39 21.82 -8.10
N ASP A 116 -8.04 22.12 -6.85
CA ASP A 116 -7.50 23.43 -6.46
C ASP A 116 -5.97 23.42 -6.53
N ILE A 117 -5.41 24.44 -7.17
CA ILE A 117 -3.97 24.70 -7.09
C ILE A 117 -3.72 25.54 -5.87
N ILE A 118 -2.82 25.09 -5.02
CA ILE A 118 -2.51 25.75 -3.76
C ILE A 118 -1.04 26.19 -3.79
N ASP A 119 -0.76 27.31 -3.12
CA ASP A 119 0.62 27.80 -3.16
C ASP A 119 1.44 27.09 -2.08
N GLY A 120 2.74 27.38 -2.07
CA GLY A 120 3.63 26.74 -1.10
C GLY A 120 3.21 26.96 0.34
N ASP A 121 2.78 28.18 0.67
CA ASP A 121 2.38 28.47 2.04
C ASP A 121 1.18 27.64 2.48
N GLU A 122 0.13 27.58 1.64
CA GLU A 122 -1.01 26.76 1.99
C GLU A 122 -0.60 25.29 2.08
N GLU A 123 0.24 24.85 1.15
CA GLU A 123 0.76 23.49 1.17
C GLU A 123 1.45 23.18 2.50
N ALA A 124 2.34 24.07 2.96
CA ALA A 124 3.08 23.80 4.19
C ALA A 124 2.17 23.63 5.40
N ARG A 125 1.03 24.31 5.42
CA ARG A 125 0.12 24.22 6.56
C ARG A 125 -0.99 23.20 6.36
N LEU A 126 -1.06 22.56 5.20
CA LEU A 126 -2.08 21.55 4.92
C LEU A 126 -1.62 20.19 5.49
N VAL A 127 -1.61 20.10 6.82
CA VAL A 127 -1.08 18.95 7.55
C VAL A 127 -2.09 18.51 8.60
N SER A 128 -1.82 17.34 9.18
CA SER A 128 -2.62 16.79 10.27
C SER A 128 -2.12 17.39 11.58
N ASP A 129 -2.64 18.58 11.91
CA ASP A 129 -2.21 19.24 13.14
C ASP A 129 -2.47 18.35 14.35
N ASN A 130 -3.50 17.50 14.27
CA ASN A 130 -3.84 16.59 15.36
C ASN A 130 -2.70 15.60 15.64
N HIS A 131 -2.06 15.09 14.59
CA HIS A 131 -0.94 14.18 14.80
C HIS A 131 0.31 14.92 15.28
N ILE A 132 0.62 16.06 14.65
CA ILE A 132 1.75 16.87 15.06
C ILE A 132 1.60 17.33 16.51
N GLU A 133 0.41 17.81 16.90
CA GLU A 133 0.20 18.36 18.26
C GLU A 133 0.62 17.33 19.30
N GLN A 134 0.29 16.09 19.05
CA GLN A 134 0.55 15.01 20.04
C GLN A 134 2.03 14.63 20.05
N ILE A 135 2.68 14.75 18.90
CA ILE A 135 4.11 14.42 18.81
C ILE A 135 4.97 15.50 19.48
N ILE A 136 4.56 16.76 19.39
CA ILE A 136 5.41 17.85 19.86
C ILE A 136 5.03 18.34 21.25
N SER A 137 4.12 17.65 21.94
CA SER A 137 3.59 18.14 23.20
C SER A 137 4.62 18.17 24.33
N ASP A 138 5.77 17.55 24.18
CA ASP A 138 6.80 17.66 25.21
C ASP A 138 7.54 19.00 25.17
N GLY A 139 7.05 19.95 24.36
CA GLY A 139 7.63 21.28 24.26
C GLY A 139 8.95 21.37 23.53
N GLY A 140 9.50 20.27 23.05
CA GLY A 140 10.79 20.27 22.41
C GLY A 140 10.78 20.96 21.05
N ASN A 141 11.93 20.88 20.38
CA ASN A 141 12.12 21.51 19.08
C ASN A 141 12.02 20.46 17.98
N TYR A 142 11.09 20.67 17.06
CA TYR A 142 10.83 19.74 15.96
C TYR A 142 10.84 20.48 14.63
N ILE A 143 11.34 19.80 13.60
CA ILE A 143 11.21 20.25 12.22
C ILE A 143 10.34 19.23 11.49
N TYR A 144 9.12 19.63 11.15
CA TYR A 144 8.26 18.83 10.27
C TYR A 144 8.68 19.09 8.84
N LEU A 145 9.18 18.05 8.16
CA LEU A 145 9.77 18.16 6.84
C LEU A 145 9.01 17.26 5.87
N ASP A 146 8.34 17.87 4.89
CA ASP A 146 7.65 17.15 3.82
C ASP A 146 8.48 17.27 2.54
N VAL A 147 9.12 16.17 2.14
CA VAL A 147 9.88 16.13 0.89
C VAL A 147 8.99 15.59 -0.21
N GLY A 148 8.71 16.42 -1.22
CA GLY A 148 7.94 16.00 -2.37
C GLY A 148 8.79 15.89 -3.62
N GLY A 149 8.11 15.74 -4.76
CA GLY A 149 8.80 15.69 -6.05
C GLY A 149 9.26 17.03 -6.58
N GLY A 150 8.65 18.13 -6.14
CA GLY A 150 9.02 19.43 -6.67
C GLY A 150 9.42 20.45 -5.61
N SER A 151 8.96 20.25 -4.38
CA SER A 151 9.26 21.20 -3.32
C SER A 151 9.41 20.44 -2.01
N THR A 152 9.95 21.15 -1.02
CA THR A 152 10.12 20.64 0.33
C THR A 152 9.62 21.68 1.31
N GLU A 153 8.72 21.29 2.20
CA GLU A 153 8.14 22.19 3.18
C GLU A 153 8.77 21.94 4.54
N LEU A 154 9.24 22.99 5.17
CA LEU A 154 9.85 22.90 6.48
C LEU A 154 9.03 23.74 7.45
N THR A 155 8.58 23.11 8.54
CA THR A 155 7.87 23.82 9.61
C THR A 155 8.54 23.56 10.94
N LEU A 156 8.89 24.63 11.65
CA LEU A 156 9.62 24.55 12.90
C LEU A 156 8.65 24.64 14.07
N PHE A 157 8.78 23.71 15.00
CA PHE A 157 7.95 23.68 16.19
C PHE A 157 8.85 23.79 17.40
N SER A 158 8.43 24.64 18.34
CA SER A 158 9.13 24.79 19.61
C SER A 158 8.10 25.15 20.66
N ASP A 159 8.09 24.37 21.75
CA ASP A 159 7.24 24.67 22.91
C ASP A 159 5.77 24.58 22.54
N THR A 160 5.42 23.57 21.74
CA THR A 160 4.08 23.29 21.21
C THR A 160 3.58 24.36 20.24
N HIS A 161 4.43 25.31 19.85
CA HIS A 161 4.00 26.44 19.04
C HIS A 161 4.77 26.45 17.73
N ILE A 162 4.07 26.88 16.68
CA ILE A 162 4.65 27.00 15.35
C ILE A 162 5.53 28.26 15.30
N LYS A 163 6.75 28.11 14.78
CA LYS A 163 7.76 29.17 14.78
C LYS A 163 8.13 29.69 13.39
N HIS A 164 8.27 28.81 12.40
CA HIS A 164 8.63 29.20 11.05
C HIS A 164 8.11 28.13 10.09
N SER A 165 7.56 28.57 8.97
CA SER A 165 7.00 27.64 8.00
C SER A 165 7.32 28.15 6.60
N GLN A 166 7.96 27.33 5.78
CA GLN A 166 8.40 27.80 4.49
C GLN A 166 8.45 26.64 3.51
N SER A 167 8.14 26.93 2.25
CA SER A 167 8.25 26.00 1.15
C SER A 167 9.46 26.33 0.30
N PHE A 168 10.23 25.30 -0.09
CA PHE A 168 11.44 25.45 -0.89
C PHE A 168 11.33 24.59 -2.15
N ASP A 169 11.75 25.14 -3.28
CA ASP A 169 11.60 24.47 -4.57
C ASP A 169 12.76 23.50 -4.81
N ILE A 170 12.93 22.61 -3.85
CA ILE A 170 13.82 21.45 -3.94
C ILE A 170 12.97 20.20 -3.75
N GLY A 171 12.91 19.35 -4.78
CA GLY A 171 12.18 18.11 -4.68
C GLY A 171 12.90 17.02 -5.45
N THR A 172 12.41 15.80 -5.28
CA THR A 172 13.09 14.64 -5.84
C THR A 172 13.12 14.68 -7.37
N VAL A 173 11.97 14.93 -8.01
CA VAL A 173 11.92 14.89 -9.46
C VAL A 173 12.61 16.12 -10.05
N ARG A 174 12.44 17.27 -9.41
CA ARG A 174 13.15 18.48 -9.86
C ARG A 174 14.67 18.28 -9.78
N LEU A 175 15.15 17.55 -8.77
CA LEU A 175 16.59 17.29 -8.67
C LEU A 175 17.05 16.29 -9.73
N LEU A 176 16.28 15.22 -9.95
CA LEU A 176 16.63 14.24 -10.98
C LEU A 176 16.67 14.89 -12.35
N SER A 177 15.73 15.79 -12.63
CA SER A 177 15.72 16.53 -13.87
C SER A 177 16.82 17.58 -13.93
N GLU A 178 17.54 17.78 -12.84
CA GLU A 178 18.60 18.79 -12.77
C GLU A 178 18.07 20.19 -13.06
N LYS A 179 16.90 20.50 -12.49
CA LYS A 179 16.22 21.76 -12.72
C LYS A 179 16.09 22.62 -11.46
N VAL A 180 16.78 22.28 -10.37
CA VAL A 180 16.78 23.16 -9.21
C VAL A 180 17.59 24.41 -9.55
N ARG A 181 17.02 25.58 -9.29
CA ARG A 181 17.49 26.82 -9.89
C ARG A 181 18.55 27.48 -9.02
N PRO A 182 19.36 28.38 -9.59
CA PRO A 182 20.44 29.01 -8.82
C PRO A 182 19.94 29.65 -7.54
N TYR A 183 20.73 29.50 -6.47
CA TYR A 183 20.54 30.09 -5.15
C TYR A 183 19.44 29.42 -4.34
N VAL A 184 18.73 28.44 -4.91
CA VAL A 184 17.64 27.79 -4.16
C VAL A 184 18.21 26.89 -3.06
N ARG A 185 19.16 26.03 -3.41
CA ARG A 185 19.85 25.21 -2.39
C ARG A 185 20.48 26.08 -1.31
N GLU A 186 21.16 27.15 -1.71
CA GLU A 186 21.87 28.00 -0.78
C GLU A 186 20.92 28.65 0.21
N ALA A 187 19.80 29.20 -0.30
CA ALA A 187 18.78 29.77 0.57
C ALA A 187 18.25 28.74 1.55
N PHE A 188 18.02 27.52 1.08
CA PHE A 188 17.57 26.43 1.93
C PHE A 188 18.59 26.12 3.03
N ARG A 189 19.87 25.96 2.65
CA ARG A 189 20.92 25.76 3.65
C ARG A 189 20.95 26.92 4.63
N SER A 190 20.91 28.16 4.13
CA SER A 190 20.98 29.32 5.02
C SER A 190 19.85 29.30 6.03
N GLU A 191 18.67 28.85 5.61
CA GLU A 191 17.51 28.83 6.53
C GLU A 191 17.76 27.78 7.63
N LEU A 192 18.34 26.65 7.25
CA LEU A 192 18.58 25.60 8.24
C LEU A 192 19.61 26.04 9.27
N MET A 193 20.67 26.73 8.82
CA MET A 193 21.71 27.20 9.74
C MET A 193 21.16 28.24 10.72
N ALA A 194 20.35 29.18 10.23
CA ALA A 194 19.70 30.12 11.14
C ALA A 194 18.82 29.41 12.16
N ILE A 195 18.27 28.25 11.79
CA ILE A 195 17.47 27.49 12.74
C ILE A 195 18.38 26.82 13.77
N THR A 196 19.51 26.26 13.31
CA THR A 196 20.43 25.58 14.23
C THR A 196 21.10 26.55 15.20
N LYS A 197 21.38 27.77 14.74
CA LYS A 197 21.98 28.79 15.62
C LYS A 197 21.07 29.11 16.79
N GLU A 198 19.77 28.92 16.62
CA GLU A 198 18.79 29.35 17.60
C GLU A 198 18.01 28.19 18.23
N TYR A 199 18.07 26.98 17.67
CA TYR A 199 17.30 25.87 18.24
C TYR A 199 18.15 24.62 18.30
N THR A 200 18.24 24.06 19.50
CA THR A 200 19.05 22.90 19.80
C THR A 200 18.15 21.69 20.02
N ASP A 201 18.76 20.50 19.93
CA ASP A 201 18.08 19.23 20.22
C ASP A 201 16.85 19.03 19.32
N ILE A 202 17.03 19.28 18.03
CA ILE A 202 15.94 19.19 17.06
C ILE A 202 15.65 17.73 16.71
N THR A 203 14.38 17.36 16.75
CA THR A 203 13.91 16.11 16.16
C THR A 203 13.18 16.39 14.85
N ILE A 204 13.49 15.58 13.84
CA ILE A 204 12.85 15.67 12.54
C ILE A 204 11.59 14.81 12.53
N ILE A 205 10.48 15.40 12.14
CA ILE A 205 9.24 14.69 11.82
C ILE A 205 9.20 14.64 10.30
N GLY A 206 9.48 13.45 9.73
CA GLY A 206 9.62 13.30 8.30
C GLY A 206 8.37 12.70 7.67
N THR A 207 7.94 13.31 6.58
CA THR A 207 6.77 12.83 5.88
C THR A 207 7.08 12.77 4.39
N GLY A 208 6.35 11.92 3.69
CA GLY A 208 6.51 11.72 2.26
C GLY A 208 6.66 10.24 1.95
N GLY A 209 6.29 9.86 0.72
CA GLY A 209 6.39 8.46 0.32
C GLY A 209 7.81 7.92 0.36
N ASN A 210 8.80 8.79 0.17
CA ASN A 210 10.18 8.30 0.19
C ASN A 210 10.64 7.98 1.61
N ILE A 211 10.32 8.85 2.58
CA ILE A 211 10.79 8.60 3.94
C ILE A 211 10.15 7.34 4.53
N ASN A 212 8.91 7.03 4.14
CA ASN A 212 8.26 5.84 4.65
C ASN A 212 8.93 4.57 4.14
N ARG A 213 9.35 4.58 2.88
CA ARG A 213 10.09 3.44 2.36
C ARG A 213 11.48 3.36 2.96
N LEU A 214 12.13 4.50 3.15
CA LEU A 214 13.46 4.53 3.78
C LEU A 214 13.41 3.96 5.19
N VAL A 215 12.44 4.39 5.99
CA VAL A 215 12.27 3.88 7.35
C VAL A 215 12.19 2.35 7.35
N ARG A 216 11.49 1.78 6.37
CA ARG A 216 11.37 0.33 6.30
C ARG A 216 12.67 -0.33 5.84
N LEU A 217 13.34 0.24 4.83
CA LEU A 217 14.62 -0.31 4.38
C LEU A 217 15.68 -0.26 5.47
N SER A 218 15.58 0.70 6.38
CA SER A 218 16.59 0.88 7.42
C SER A 218 16.28 0.07 8.68
N GLY A 219 15.23 -0.74 8.64
CA GLY A 219 14.88 -1.59 9.77
C GLY A 219 14.12 -0.91 10.89
N SER A 220 13.42 0.19 10.61
CA SER A 220 12.75 0.96 11.64
C SER A 220 11.23 0.94 11.47
N ASP A 221 10.70 -0.11 10.85
CA ASP A 221 9.27 -0.15 10.57
C ASP A 221 8.46 -0.07 11.87
N ARG A 222 7.31 0.59 11.77
CA ARG A 222 6.46 0.85 12.93
C ARG A 222 6.12 -0.44 13.66
N GLY A 223 5.44 -1.34 12.97
CA GLY A 223 5.05 -2.58 13.59
C GLY A 223 3.93 -2.32 14.58
N SER A 224 4.09 -2.85 15.79
CA SER A 224 3.07 -2.69 16.81
C SER A 224 3.22 -1.40 17.60
N SER A 225 4.23 -0.59 17.30
CA SER A 225 4.47 0.70 17.95
C SER A 225 3.54 1.78 17.41
N ARG A 226 3.36 2.84 18.22
CA ARG A 226 2.57 3.98 17.78
C ARG A 226 3.25 4.70 16.61
N TYR A 227 4.55 4.95 16.72
CA TYR A 227 5.29 5.70 15.70
C TYR A 227 6.52 4.92 15.25
N SER A 228 6.86 5.01 13.97
CA SER A 228 8.14 4.49 13.52
C SER A 228 9.19 5.58 13.75
N ILE A 229 10.32 5.19 14.32
CA ILE A 229 11.36 6.11 14.71
C ILE A 229 12.68 5.62 14.13
N MET A 230 13.29 6.45 13.29
CA MET A 230 14.50 6.04 12.60
C MET A 230 15.64 6.94 13.07
N PRO A 231 16.72 6.37 13.60
CA PRO A 231 17.94 7.17 13.81
C PRO A 231 18.51 7.64 12.48
N VAL A 232 18.98 8.89 12.48
CA VAL A 232 19.64 9.46 11.29
C VAL A 232 20.80 8.58 10.85
N GLU A 233 21.50 7.96 11.79
CA GLU A 233 22.61 7.04 11.42
C GLU A 233 22.05 5.83 10.66
N ALA A 234 20.87 5.35 11.04
CA ALA A 234 20.27 4.26 10.27
C ALA A 234 19.94 4.71 8.85
N LEU A 235 19.41 5.92 8.71
CA LEU A 235 19.16 6.44 7.37
C LEU A 235 20.46 6.55 6.58
N HIS A 236 21.53 7.03 7.21
CA HIS A 236 22.79 7.19 6.51
C HIS A 236 23.32 5.86 6.00
N LYS A 237 23.30 4.84 6.86
CA LYS A 237 23.73 3.51 6.43
C LYS A 237 22.88 3.02 5.26
N THR A 238 21.57 3.18 5.35
CA THR A 238 20.70 2.80 4.23
C THR A 238 21.07 3.56 2.96
N TYR A 239 21.34 4.87 3.08
CA TYR A 239 21.74 5.65 1.91
C TYR A 239 22.98 5.05 1.25
N ASP A 240 24.00 4.69 2.05
CA ASP A 240 25.24 4.16 1.48
C ASP A 240 25.02 2.83 0.79
N LEU A 241 24.07 2.05 1.27
CA LEU A 241 23.67 0.82 0.60
C LEU A 241 23.02 1.09 -0.76
N LEU A 242 22.22 2.15 -0.88
CA LEU A 242 21.41 2.35 -2.08
C LEU A 242 22.11 3.16 -3.16
N LYS A 243 22.90 4.16 -2.77
CA LYS A 243 23.53 5.09 -3.72
C LYS A 243 24.35 4.42 -4.82
N PRO A 244 25.25 3.47 -4.56
CA PRO A 244 26.24 3.09 -5.57
C PRO A 244 25.78 2.04 -6.58
N ILE A 245 24.56 1.52 -6.47
CA ILE A 245 23.99 0.62 -7.47
C ILE A 245 23.04 1.40 -8.36
N SER A 246 22.80 0.87 -9.56
CA SER A 246 21.92 1.54 -10.50
C SER A 246 20.48 1.37 -10.07
N THR A 247 19.59 2.15 -10.71
CA THR A 247 18.21 2.20 -10.24
C THR A 247 17.48 0.88 -10.45
N GLU A 248 17.70 0.21 -11.59
CA GLU A 248 16.93 -1.02 -11.81
C GLU A 248 17.47 -2.15 -10.92
N GLU A 249 18.74 -2.07 -10.52
CA GLU A 249 19.23 -2.99 -9.50
C GLU A 249 18.64 -2.65 -8.14
N ARG A 250 18.45 -1.36 -7.84
CA ARG A 250 17.78 -0.99 -6.60
C ARG A 250 16.35 -1.53 -6.58
N MET A 251 15.65 -1.40 -7.71
CA MET A 251 14.32 -1.97 -7.86
C MET A 251 14.28 -3.41 -7.41
N VAL A 252 15.04 -4.25 -8.11
CA VAL A 252 14.92 -5.69 -7.95
C VAL A 252 15.48 -6.13 -6.60
N ARG A 253 16.69 -5.68 -6.26
CA ARG A 253 17.33 -6.12 -5.02
C ARG A 253 16.54 -5.70 -3.78
N PHE A 254 15.87 -4.54 -3.82
CA PHE A 254 15.24 -4.01 -2.61
C PHE A 254 13.73 -3.86 -2.73
N HIS A 255 13.11 -4.41 -3.78
CA HIS A 255 11.65 -4.46 -3.92
C HIS A 255 11.06 -3.05 -3.92
N LEU A 256 11.60 -2.20 -4.80
CA LEU A 256 11.13 -0.83 -4.95
C LEU A 256 10.43 -0.69 -6.29
N LYS A 257 9.29 0.00 -6.28
CA LYS A 257 8.62 0.28 -7.54
C LYS A 257 9.51 1.17 -8.39
N PRO A 258 9.43 1.06 -9.72
CA PRO A 258 10.29 1.89 -10.58
C PRO A 258 10.19 3.38 -10.26
N ASP A 259 8.99 3.88 -9.97
CA ASP A 259 8.85 5.30 -9.70
C ASP A 259 9.34 5.70 -8.32
N ARG A 260 9.77 4.73 -7.51
CA ARG A 260 10.35 5.01 -6.20
C ARG A 260 11.86 4.84 -6.20
N ALA A 261 12.38 3.94 -7.02
CA ALA A 261 13.78 3.52 -6.92
C ALA A 261 14.74 4.63 -7.33
N ASP A 262 14.33 5.54 -8.22
CA ASP A 262 15.20 6.65 -8.58
C ASP A 262 15.07 7.81 -7.58
N VAL A 263 13.85 8.24 -7.26
CA VAL A 263 13.65 9.41 -6.41
C VAL A 263 14.04 9.18 -4.95
N ILE A 264 14.18 7.94 -4.52
CA ILE A 264 14.52 7.70 -3.11
C ILE A 264 15.89 8.29 -2.78
N ILE A 265 16.78 8.37 -3.77
CA ILE A 265 18.14 8.85 -3.54
C ILE A 265 18.11 10.34 -3.20
N PRO A 266 17.60 11.23 -4.06
CA PRO A 266 17.57 12.66 -3.65
C PRO A 266 16.73 12.91 -2.41
N ALA A 267 15.70 12.10 -2.19
CA ALA A 267 14.92 12.21 -0.95
C ALA A 267 15.79 11.95 0.26
N ALA A 268 16.54 10.85 0.25
CA ALA A 268 17.47 10.60 1.34
C ALA A 268 18.47 11.74 1.47
N GLU A 269 18.96 12.26 0.34
CA GLU A 269 19.94 13.34 0.40
C GLU A 269 19.36 14.59 1.04
N ILE A 270 18.09 14.90 0.77
CA ILE A 270 17.48 16.07 1.41
C ILE A 270 17.40 15.87 2.92
N PHE A 271 16.83 14.73 3.36
CA PHE A 271 16.72 14.47 4.79
C PHE A 271 18.10 14.50 5.46
N LEU A 272 19.10 13.91 4.80
CA LEU A 272 20.42 13.87 5.40
C LEU A 272 21.03 15.26 5.50
N GLU A 273 20.82 16.12 4.51
CA GLU A 273 21.30 17.50 4.63
C GLU A 273 20.65 18.20 5.82
N VAL A 274 19.32 18.12 5.90
CA VAL A 274 18.61 18.74 7.02
C VAL A 274 19.15 18.22 8.34
N ALA A 275 19.36 16.91 8.44
CA ALA A 275 19.85 16.30 9.68
C ALA A 275 21.27 16.75 10.01
N ASP A 276 22.13 16.83 8.99
CA ASP A 276 23.54 17.24 9.18
C ASP A 276 23.63 18.67 9.72
N ILE A 277 22.94 19.60 9.08
CA ILE A 277 23.01 20.99 9.49
C ILE A 277 22.45 21.16 10.90
N THR A 278 21.30 20.57 11.16
CA THR A 278 20.67 20.77 12.46
C THR A 278 21.24 19.88 13.56
N GLY A 279 22.10 18.94 13.21
CA GLY A 279 22.53 17.95 14.18
C GLY A 279 21.44 17.03 14.69
N ALA A 280 20.26 17.00 14.06
CA ALA A 280 19.21 16.10 14.52
C ALA A 280 19.66 14.65 14.47
N LYS A 281 19.35 13.88 15.51
CA LYS A 281 19.74 12.47 15.51
C LYS A 281 18.61 11.55 15.12
N THR A 282 17.36 12.00 15.23
CA THR A 282 16.18 11.16 15.14
C THR A 282 15.22 11.71 14.08
N ILE A 283 14.67 10.81 13.27
CA ILE A 283 13.55 11.13 12.39
C ILE A 283 12.34 10.33 12.87
N ILE A 284 11.27 11.03 13.22
CA ILE A 284 9.99 10.38 13.53
C ILE A 284 9.14 10.44 12.26
N ALA A 285 8.62 9.28 11.83
CA ALA A 285 7.85 9.17 10.58
C ALA A 285 6.43 8.75 10.91
N PRO A 286 5.52 9.71 11.11
CA PRO A 286 4.15 9.35 11.55
C PRO A 286 3.27 8.81 10.45
N ILE A 287 3.73 8.80 9.20
CA ILE A 287 2.99 8.23 8.07
C ILE A 287 1.69 9.02 7.89
N VAL A 288 1.77 10.34 7.99
CA VAL A 288 0.71 11.22 7.53
C VAL A 288 1.34 12.20 6.55
N GLY A 289 0.50 12.86 5.77
CA GLY A 289 0.99 13.82 4.81
C GLY A 289 -0.09 14.81 4.45
N LEU A 290 0.03 15.35 3.24
CA LEU A 290 -0.87 16.42 2.79
C LEU A 290 -2.30 15.93 2.69
N ALA A 291 -2.51 14.72 2.15
CA ALA A 291 -3.85 14.14 2.09
C ALA A 291 -4.51 14.10 3.46
N ASP A 292 -3.76 13.73 4.49
CA ASP A 292 -4.32 13.69 5.84
C ASP A 292 -4.72 15.07 6.32
N GLY A 293 -3.96 16.10 5.91
CA GLY A 293 -4.30 17.45 6.29
C GLY A 293 -5.56 17.94 5.61
N ILE A 294 -5.78 17.54 4.35
CA ILE A 294 -7.05 17.82 3.68
C ILE A 294 -8.21 17.21 4.44
N ILE A 295 -8.04 15.96 4.91
CA ILE A 295 -9.18 15.30 5.53
C ILE A 295 -9.46 15.88 6.90
N GLU A 296 -8.41 16.31 7.62
CA GLU A 296 -8.61 17.00 8.88
C GLU A 296 -9.40 18.29 8.70
N ASP A 297 -9.08 19.08 7.67
CA ASP A 297 -9.87 20.28 7.36
C ASP A 297 -11.33 19.92 7.13
N LEU A 298 -11.58 18.90 6.29
CA LEU A 298 -12.95 18.49 5.98
C LEU A 298 -13.69 18.05 7.22
N TYR A 299 -13.04 17.25 8.07
CA TYR A 299 -13.64 16.83 9.32
C TYR A 299 -14.00 18.02 10.21
N ILE A 300 -13.10 18.99 10.32
CA ILE A 300 -13.36 20.18 11.13
C ILE A 300 -14.54 20.96 10.57
N ARG A 301 -14.55 21.18 9.25
CA ARG A 301 -15.64 21.92 8.61
C ARG A 301 -17.00 21.37 8.99
N HIS A 302 -17.18 20.06 8.87
CA HIS A 302 -18.48 19.45 9.12
C HIS A 302 -18.68 19.08 10.57
N GLN A 303 -17.75 19.45 11.44
CA GLN A 303 -17.78 19.17 12.88
C GLN A 303 -17.64 17.68 13.15
N LYS B 8 8.37 -0.88 -20.09
CA LYS B 8 7.76 -0.51 -21.37
C LYS B 8 6.61 -1.48 -21.75
N VAL B 9 6.74 -2.76 -21.42
CA VAL B 9 5.62 -3.70 -21.50
C VAL B 9 5.05 -3.93 -20.10
N HIS B 10 3.73 -3.79 -19.96
CA HIS B 10 3.05 -4.01 -18.68
C HIS B 10 1.96 -5.06 -18.82
N TYR B 11 1.83 -5.89 -17.78
CA TYR B 11 0.74 -6.84 -17.66
C TYR B 11 -0.05 -6.54 -16.40
N ALA B 12 -1.35 -6.81 -16.46
CA ALA B 12 -2.22 -6.57 -15.30
C ALA B 12 -2.95 -7.83 -14.88
N ALA B 13 -3.22 -7.92 -13.59
CA ALA B 13 -4.05 -8.97 -13.04
C ALA B 13 -5.14 -8.32 -12.20
N ILE B 14 -6.36 -8.81 -12.32
CA ILE B 14 -7.45 -8.42 -11.42
C ILE B 14 -7.86 -9.66 -10.61
N ASP B 15 -7.79 -9.56 -9.28
CA ASP B 15 -7.99 -10.68 -8.38
C ASP B 15 -9.26 -10.37 -7.59
N VAL B 16 -10.36 -11.03 -7.98
CA VAL B 16 -11.68 -10.73 -7.39
C VAL B 16 -11.86 -11.73 -6.26
N GLY B 17 -11.31 -11.37 -5.09
CA GLY B 17 -11.34 -12.24 -3.93
C GLY B 17 -12.61 -12.09 -3.13
N SER B 18 -12.61 -12.70 -1.94
CA SER B 18 -13.77 -12.70 -1.06
C SER B 18 -13.73 -11.58 -0.03
N ASN B 19 -12.55 -11.00 0.25
CA ASN B 19 -12.44 -9.79 1.05
C ASN B 19 -12.08 -8.64 0.14
N ALA B 20 -10.80 -8.38 -0.11
CA ALA B 20 -10.44 -7.30 -1.02
C ALA B 20 -10.44 -7.75 -2.49
N VAL B 21 -10.64 -6.78 -3.38
CA VAL B 21 -10.57 -6.98 -4.82
C VAL B 21 -9.38 -6.15 -5.33
N ARG B 22 -8.41 -6.83 -5.95
CA ARG B 22 -7.11 -6.24 -6.20
C ARG B 22 -6.85 -6.03 -7.69
N LEU B 23 -6.05 -5.01 -7.97
CA LEU B 23 -5.42 -4.81 -9.27
C LEU B 23 -3.92 -4.80 -9.06
N LEU B 24 -3.22 -5.56 -9.89
CA LEU B 24 -1.76 -5.63 -9.84
C LEU B 24 -1.24 -5.41 -11.25
N ILE B 25 -0.29 -4.49 -11.38
CA ILE B 25 0.33 -4.21 -12.68
C ILE B 25 1.83 -4.40 -12.51
N LYS B 26 2.43 -5.20 -13.39
CA LYS B 26 3.87 -5.36 -13.42
C LYS B 26 4.42 -4.98 -14.79
N CYS B 27 5.67 -4.56 -14.81
CA CYS B 27 6.40 -4.26 -16.03
C CYS B 27 7.42 -5.37 -16.32
N VAL B 28 7.71 -5.59 -17.59
CA VAL B 28 8.77 -6.53 -17.95
C VAL B 28 10.11 -5.80 -17.84
N ASN B 29 10.99 -6.32 -16.99
CA ASN B 29 12.34 -5.80 -16.83
C ASN B 29 13.24 -6.33 -17.94
N SER B 30 14.55 -6.20 -17.76
CA SER B 30 15.53 -6.93 -18.59
C SER B 30 16.87 -7.06 -17.86
N GLU B 35 14.91 -10.83 -11.47
CA GLU B 35 13.48 -10.85 -11.77
C GLU B 35 13.20 -10.38 -13.18
N PRO B 36 12.35 -11.12 -13.90
CA PRO B 36 11.85 -10.61 -15.19
C PRO B 36 10.70 -9.61 -15.07
N LEU B 37 10.03 -9.54 -13.93
CA LEU B 37 8.81 -8.74 -13.77
C LEU B 37 8.89 -7.96 -12.46
N SER B 38 8.56 -6.67 -12.52
CA SER B 38 8.56 -5.83 -11.32
C SER B 38 7.20 -5.21 -11.09
N LYS B 39 6.80 -5.14 -9.82
CA LYS B 39 5.53 -4.53 -9.45
C LYS B 39 5.60 -3.02 -9.62
N VAL B 40 4.61 -2.44 -10.29
CA VAL B 40 4.62 -1.00 -10.52
C VAL B 40 3.40 -0.38 -9.86
N LEU B 41 2.34 -1.17 -9.70
CA LEU B 41 1.08 -0.67 -9.19
C LEU B 41 0.32 -1.79 -8.49
N ILE B 42 -0.24 -1.47 -7.33
CA ILE B 42 -1.10 -2.39 -6.59
C ILE B 42 -2.24 -1.58 -6.02
N MET B 43 -3.46 -2.04 -6.22
CA MET B 43 -4.65 -1.42 -5.66
C MET B 43 -5.44 -2.49 -4.95
N ARG B 44 -6.01 -2.13 -3.81
CA ARG B 44 -6.73 -3.07 -2.97
C ARG B 44 -8.00 -2.39 -2.47
N VAL B 45 -9.17 -2.91 -2.85
CA VAL B 45 -10.45 -2.33 -2.45
C VAL B 45 -11.34 -3.37 -1.80
N PRO B 46 -11.79 -3.18 -0.54
CA PRO B 46 -12.55 -4.22 0.20
C PRO B 46 -14.05 -4.31 -0.08
N ILE B 47 -14.38 -4.87 -1.24
CA ILE B 47 -15.78 -5.12 -1.54
C ILE B 47 -16.38 -6.12 -0.56
N ARG B 48 -15.59 -7.07 -0.08
CA ARG B 48 -16.03 -8.18 0.76
C ARG B 48 -17.27 -8.86 0.18
N LEU B 49 -17.09 -9.43 -1.02
CA LEU B 49 -18.16 -10.20 -1.65
C LEU B 49 -18.61 -11.37 -0.78
N GLY B 50 -17.68 -11.99 -0.04
CA GLY B 50 -18.03 -13.17 0.73
C GLY B 50 -19.03 -12.91 1.85
N GLU B 51 -19.11 -11.67 2.31
CA GLU B 51 -20.09 -11.30 3.33
C GLU B 51 -21.51 -11.50 2.81
N ASP B 52 -21.74 -11.23 1.52
CA ASP B 52 -23.02 -11.56 0.88
C ASP B 52 -23.09 -13.03 0.52
N SER B 53 -22.03 -13.55 -0.11
CA SER B 53 -22.11 -14.86 -0.74
C SER B 53 -22.23 -15.98 0.28
N PHE B 54 -21.43 -15.95 1.34
CA PHE B 54 -21.47 -17.06 2.27
C PHE B 54 -22.69 -17.01 3.20
N THR B 55 -23.37 -15.86 3.28
CA THR B 55 -24.55 -15.70 4.13
C THR B 55 -25.84 -15.75 3.32
N LYS B 56 -25.96 -14.90 2.28
CA LYS B 56 -27.16 -14.87 1.45
C LYS B 56 -27.14 -15.92 0.33
N GLY B 57 -25.96 -16.35 -0.11
CA GLY B 57 -25.85 -17.27 -1.23
C GLY B 57 -25.89 -16.63 -2.61
N TYR B 58 -25.79 -15.31 -2.70
CA TYR B 58 -25.73 -14.56 -3.96
C TYR B 58 -25.06 -13.21 -3.63
N ILE B 59 -24.67 -12.48 -4.68
CA ILE B 59 -24.12 -11.13 -4.52
C ILE B 59 -25.27 -10.13 -4.47
N GLY B 60 -25.29 -9.32 -3.42
CA GLY B 60 -26.30 -8.30 -3.31
C GLY B 60 -26.09 -7.17 -4.30
N GLU B 61 -27.13 -6.35 -4.44
CA GLU B 61 -27.13 -5.32 -5.47
C GLU B 61 -26.12 -4.22 -5.15
N GLU B 62 -26.00 -3.85 -3.89
CA GLU B 62 -25.01 -2.84 -3.51
C GLU B 62 -23.60 -3.27 -3.89
N LYS B 63 -23.21 -4.49 -3.52
CA LYS B 63 -21.86 -4.95 -3.86
C LYS B 63 -21.69 -5.12 -5.37
N ALA B 64 -22.73 -5.58 -6.06
CA ALA B 64 -22.61 -5.73 -7.51
C ALA B 64 -22.45 -4.38 -8.19
N ASP B 65 -23.21 -3.38 -7.75
CA ASP B 65 -23.02 -2.03 -8.26
C ASP B 65 -21.60 -1.54 -7.98
N ASN B 66 -21.08 -1.79 -6.77
CA ASN B 66 -19.73 -1.34 -6.44
C ASN B 66 -18.70 -2.07 -7.28
N MET B 67 -18.94 -3.35 -7.59
CA MET B 67 -18.06 -4.10 -8.48
C MET B 67 -17.98 -3.46 -9.86
N VAL B 68 -19.12 -3.02 -10.40
CA VAL B 68 -19.11 -2.31 -11.67
C VAL B 68 -18.27 -1.04 -11.57
N ARG B 69 -18.53 -0.24 -10.52
CA ARG B 69 -17.71 0.94 -10.28
C ARG B 69 -16.23 0.61 -10.20
N LEU B 70 -15.90 -0.50 -9.52
CA LEU B 70 -14.49 -0.83 -9.32
C LEU B 70 -13.84 -1.29 -10.62
N MET B 71 -14.54 -2.11 -11.41
CA MET B 71 -13.97 -2.57 -12.67
C MET B 71 -13.79 -1.42 -13.66
N ARG B 72 -14.63 -0.40 -13.56
CA ARG B 72 -14.44 0.80 -14.36
C ARG B 72 -13.14 1.49 -13.98
N ALA B 73 -12.89 1.63 -12.67
CA ALA B 73 -11.68 2.29 -12.17
C ALA B 73 -10.43 1.52 -12.57
N TYR B 74 -10.44 0.19 -12.40
CA TYR B 74 -9.29 -0.62 -12.78
C TYR B 74 -9.09 -0.62 -14.29
N ASN B 75 -10.17 -0.60 -15.06
CA ASN B 75 -10.01 -0.47 -16.51
C ASN B 75 -9.31 0.85 -16.87
N GLU B 76 -9.70 1.96 -16.23
CA GLU B 76 -9.00 3.22 -16.45
C GLU B 76 -7.53 3.08 -16.11
N MET B 77 -7.21 2.41 -14.99
CA MET B 77 -5.83 2.20 -14.59
C MET B 77 -5.07 1.39 -15.62
N MET B 78 -5.70 0.35 -16.17
CA MET B 78 -5.04 -0.48 -17.16
C MET B 78 -4.79 0.32 -18.45
N GLN B 79 -5.70 1.25 -18.77
CA GLN B 79 -5.51 2.14 -19.90
C GLN B 79 -4.34 3.10 -19.65
N ILE B 80 -4.20 3.61 -18.42
CA ILE B 80 -3.08 4.49 -18.11
C ILE B 80 -1.75 3.79 -18.42
N TYR B 81 -1.66 2.49 -18.12
CA TYR B 81 -0.42 1.77 -18.30
C TYR B 81 -0.32 1.06 -19.65
N ARG B 82 -1.30 1.24 -20.53
CA ARG B 82 -1.28 0.64 -21.87
C ARG B 82 -0.98 -0.85 -21.81
N VAL B 83 -1.61 -1.57 -20.88
CA VAL B 83 -1.13 -2.91 -20.59
C VAL B 83 -1.31 -3.78 -21.83
N LYS B 84 -0.33 -4.66 -22.06
CA LYS B 84 -0.36 -5.56 -23.21
C LYS B 84 -1.50 -6.57 -23.11
N ASP B 85 -1.78 -7.03 -21.89
CA ASP B 85 -2.72 -8.09 -21.66
C ASP B 85 -3.06 -8.07 -20.18
N TYR B 86 -4.23 -8.59 -19.85
CA TYR B 86 -4.63 -8.72 -18.46
C TYR B 86 -5.42 -10.02 -18.34
N ARG B 87 -5.62 -10.43 -17.10
CA ARG B 87 -6.64 -11.43 -16.79
C ARG B 87 -7.26 -11.06 -15.45
N ALA B 88 -8.57 -11.27 -15.36
CA ALA B 88 -9.32 -11.08 -14.13
C ALA B 88 -9.91 -12.42 -13.72
N CYS B 89 -9.59 -12.85 -12.50
CA CYS B 89 -10.04 -14.12 -11.96
C CYS B 89 -10.85 -13.87 -10.71
N ALA B 90 -11.92 -14.65 -10.54
CA ALA B 90 -12.73 -14.58 -9.34
C ALA B 90 -12.72 -15.95 -8.66
N THR B 91 -12.69 -15.94 -7.33
CA THR B 91 -12.54 -17.19 -6.60
C THR B 91 -13.73 -17.47 -5.68
N SER B 92 -13.47 -17.79 -4.41
CA SER B 92 -14.44 -18.46 -3.56
C SER B 92 -15.79 -17.75 -3.54
N ALA B 93 -15.81 -16.44 -3.28
CA ALA B 93 -17.08 -15.75 -3.11
C ALA B 93 -17.94 -15.79 -4.38
N MET B 94 -17.30 -15.69 -5.56
CA MET B 94 -18.08 -15.77 -6.80
C MET B 94 -18.49 -17.20 -7.13
N ARG B 95 -17.60 -18.17 -6.92
CA ARG B 95 -17.98 -19.58 -7.05
C ARG B 95 -19.25 -19.88 -6.28
N ASP B 96 -19.39 -19.33 -5.07
CA ASP B 96 -20.47 -19.69 -4.19
C ASP B 96 -21.72 -18.83 -4.36
N ALA B 97 -21.72 -17.85 -5.26
CA ALA B 97 -22.85 -16.94 -5.40
C ALA B 97 -23.74 -17.39 -6.57
N SER B 98 -25.03 -17.53 -6.32
CA SER B 98 -25.91 -18.11 -7.33
C SER B 98 -26.03 -17.21 -8.56
N ASN B 99 -25.90 -15.89 -8.39
CA ASN B 99 -26.03 -14.94 -9.50
C ASN B 99 -24.67 -14.50 -10.06
N ALA B 100 -23.61 -15.27 -9.82
CA ALA B 100 -22.26 -14.88 -10.20
C ALA B 100 -22.13 -14.61 -11.70
N GLU B 101 -22.68 -15.51 -12.52
CA GLU B 101 -22.55 -15.34 -13.97
C GLU B 101 -23.33 -14.13 -14.48
N ALA B 102 -24.50 -13.87 -13.91
CA ALA B 102 -25.26 -12.67 -14.26
C ALA B 102 -24.48 -11.40 -13.91
N VAL B 103 -23.92 -11.34 -12.70
CA VAL B 103 -23.13 -10.18 -12.31
C VAL B 103 -21.93 -10.02 -13.24
N ILE B 104 -21.27 -11.13 -13.57
CA ILE B 104 -20.10 -11.06 -14.44
C ILE B 104 -20.50 -10.64 -15.86
N ALA B 105 -21.62 -11.15 -16.38
CA ALA B 105 -22.05 -10.70 -17.71
C ALA B 105 -22.37 -9.22 -17.71
N GLN B 106 -23.04 -8.72 -16.67
CA GLN B 106 -23.33 -7.30 -16.59
C GLN B 106 -22.05 -6.47 -16.42
N ILE B 107 -21.10 -6.95 -15.61
CA ILE B 107 -19.82 -6.24 -15.49
C ILE B 107 -19.15 -6.15 -16.86
N ARG B 108 -19.14 -7.26 -17.61
CA ARG B 108 -18.49 -7.23 -18.93
C ARG B 108 -19.16 -6.24 -19.87
N GLU B 109 -20.49 -6.20 -19.85
CA GLU B 109 -21.25 -5.29 -20.71
C GLU B 109 -21.01 -3.83 -20.34
N LYS B 110 -20.98 -3.53 -19.05
CA LYS B 110 -20.92 -2.15 -18.62
C LYS B 110 -19.51 -1.60 -18.54
N THR B 111 -18.50 -2.45 -18.41
CA THR B 111 -17.14 -1.98 -18.20
C THR B 111 -16.13 -2.49 -19.20
N GLY B 112 -16.43 -3.56 -19.93
CA GLY B 112 -15.45 -4.20 -20.80
C GLY B 112 -14.58 -5.24 -20.13
N ILE B 113 -14.57 -5.32 -18.80
CA ILE B 113 -13.73 -6.28 -18.08
C ILE B 113 -14.42 -7.64 -18.06
N HIS B 114 -13.73 -8.67 -18.56
CA HIS B 114 -14.22 -10.03 -18.46
C HIS B 114 -13.56 -10.76 -17.29
N ILE B 115 -14.37 -11.26 -16.36
CA ILE B 115 -13.90 -12.00 -15.18
C ILE B 115 -14.11 -13.50 -15.39
N ASP B 116 -13.03 -14.29 -15.20
CA ASP B 116 -13.12 -15.74 -15.18
C ASP B 116 -13.36 -16.22 -13.75
N ILE B 117 -14.33 -17.10 -13.57
CA ILE B 117 -14.49 -17.83 -12.33
C ILE B 117 -13.63 -19.08 -12.42
N ILE B 118 -12.66 -19.21 -11.52
CA ILE B 118 -11.75 -20.35 -11.51
C ILE B 118 -12.11 -21.24 -10.34
N ASP B 119 -11.85 -22.54 -10.50
CA ASP B 119 -12.11 -23.47 -9.40
C ASP B 119 -10.90 -23.51 -8.45
N GLY B 120 -11.05 -24.24 -7.35
CA GLY B 120 -10.04 -24.22 -6.31
C GLY B 120 -8.73 -24.87 -6.70
N ASP B 121 -8.78 -25.87 -7.59
CA ASP B 121 -7.57 -26.46 -8.12
C ASP B 121 -6.78 -25.45 -8.94
N GLU B 122 -7.47 -24.72 -9.82
CA GLU B 122 -6.78 -23.71 -10.60
C GLU B 122 -6.27 -22.59 -9.71
N GLU B 123 -7.06 -22.20 -8.72
CA GLU B 123 -6.62 -21.17 -7.77
C GLU B 123 -5.36 -21.62 -7.03
N ALA B 124 -5.31 -22.88 -6.59
CA ALA B 124 -4.14 -23.37 -5.86
C ALA B 124 -2.86 -23.23 -6.67
N ARG B 125 -2.97 -23.49 -7.97
CA ARG B 125 -1.77 -23.48 -8.86
C ARG B 125 -1.52 -22.12 -9.50
N LEU B 126 -2.35 -21.12 -9.20
CA LEU B 126 -2.20 -19.82 -9.86
C LEU B 126 -1.30 -18.96 -8.99
N VAL B 127 0.02 -19.22 -9.10
CA VAL B 127 1.03 -18.65 -8.23
C VAL B 127 2.27 -18.27 -9.04
N SER B 128 3.14 -17.46 -8.42
CA SER B 128 4.44 -17.13 -9.02
C SER B 128 5.40 -18.28 -8.78
N ASP B 129 5.42 -19.23 -9.70
CA ASP B 129 6.34 -20.36 -9.58
C ASP B 129 7.80 -19.91 -9.62
N ASN B 130 8.07 -18.75 -10.24
CA ASN B 130 9.42 -18.22 -10.26
C ASN B 130 9.90 -17.91 -8.84
N HIS B 131 9.05 -17.28 -8.02
CA HIS B 131 9.46 -16.98 -6.66
C HIS B 131 9.48 -18.23 -5.80
N ILE B 132 8.50 -19.12 -5.96
CA ILE B 132 8.46 -20.32 -5.13
C ILE B 132 9.69 -21.18 -5.42
N GLU B 133 10.01 -21.35 -6.72
CA GLU B 133 11.15 -22.16 -7.13
C GLU B 133 12.43 -21.75 -6.43
N GLN B 134 12.63 -20.44 -6.23
CA GLN B 134 13.82 -20.00 -5.54
C GLN B 134 13.77 -20.35 -4.04
N ILE B 135 12.61 -20.14 -3.40
CA ILE B 135 12.50 -20.38 -1.96
C ILE B 135 12.72 -21.85 -1.62
N ILE B 136 12.33 -22.77 -2.50
CA ILE B 136 12.35 -24.20 -2.19
C ILE B 136 13.54 -24.92 -2.85
N SER B 137 14.47 -24.20 -3.47
CA SER B 137 15.54 -24.84 -4.22
C SER B 137 16.49 -25.69 -3.36
N ASP B 138 16.57 -25.46 -2.06
CA ASP B 138 17.41 -26.35 -1.26
C ASP B 138 16.82 -27.76 -1.11
N GLY B 139 15.62 -27.99 -1.61
CA GLY B 139 15.03 -29.31 -1.50
C GLY B 139 14.34 -29.60 -0.20
N GLY B 140 14.22 -28.63 0.70
CA GLY B 140 13.53 -28.80 1.96
C GLY B 140 12.04 -29.03 1.76
N ASN B 141 11.36 -29.20 2.90
CA ASN B 141 9.92 -29.43 2.91
C ASN B 141 9.22 -28.11 3.23
N TYR B 142 8.28 -27.72 2.36
CA TYR B 142 7.61 -26.44 2.49
C TYR B 142 6.12 -26.61 2.26
N ILE B 143 5.31 -25.89 3.03
CA ILE B 143 3.90 -25.74 2.72
C ILE B 143 3.68 -24.30 2.31
N TYR B 144 3.24 -24.12 1.07
CA TYR B 144 2.83 -22.81 0.56
C TYR B 144 1.36 -22.64 0.91
N LEU B 145 1.03 -21.60 1.67
CA LEU B 145 -0.31 -21.46 2.21
C LEU B 145 -0.89 -20.12 1.77
N ASP B 146 -2.02 -20.17 1.08
CA ASP B 146 -2.75 -18.95 0.66
C ASP B 146 -4.05 -18.88 1.45
N VAL B 147 -4.13 -17.95 2.39
CA VAL B 147 -5.30 -17.78 3.24
C VAL B 147 -6.14 -16.63 2.69
N GLY B 148 -7.30 -16.96 2.14
CA GLY B 148 -8.22 -15.97 1.62
C GLY B 148 -9.41 -15.75 2.52
N GLY B 149 -10.37 -14.96 2.00
CA GLY B 149 -11.60 -14.75 2.75
C GLY B 149 -12.57 -15.91 2.69
N GLY B 150 -12.44 -16.76 1.68
CA GLY B 150 -13.40 -17.81 1.44
C GLY B 150 -12.79 -19.20 1.41
N SER B 151 -11.51 -19.30 1.03
CA SER B 151 -10.86 -20.59 0.90
C SER B 151 -9.39 -20.43 1.25
N THR B 152 -8.76 -21.56 1.56
CA THR B 152 -7.32 -21.63 1.86
C THR B 152 -6.71 -22.71 0.99
N GLU B 153 -5.61 -22.39 0.32
CA GLU B 153 -4.95 -23.34 -0.57
C GLU B 153 -3.66 -23.79 0.08
N LEU B 154 -3.42 -25.10 0.04
CA LEU B 154 -2.23 -25.72 0.60
C LEU B 154 -1.49 -26.44 -0.52
N THR B 155 -0.20 -26.16 -0.66
CA THR B 155 0.64 -26.89 -1.61
C THR B 155 1.87 -27.37 -0.85
N LEU B 156 2.09 -28.70 -0.86
CA LEU B 156 3.24 -29.31 -0.21
C LEU B 156 4.38 -29.45 -1.22
N PHE B 157 5.55 -28.90 -0.89
CA PHE B 157 6.74 -29.03 -1.72
C PHE B 157 7.78 -29.87 -0.99
N SER B 158 8.46 -30.74 -1.73
CA SER B 158 9.54 -31.56 -1.17
C SER B 158 10.49 -31.92 -2.30
N ASP B 159 11.80 -31.79 -2.07
CA ASP B 159 12.81 -32.10 -3.08
C ASP B 159 12.58 -31.29 -4.36
N THR B 160 12.09 -30.05 -4.20
CA THR B 160 11.71 -29.11 -5.26
C THR B 160 10.46 -29.52 -6.03
N HIS B 161 9.81 -30.60 -5.66
CA HIS B 161 8.66 -31.12 -6.41
C HIS B 161 7.37 -30.85 -5.64
N ILE B 162 6.27 -30.70 -6.38
CA ILE B 162 4.95 -30.59 -5.77
C ILE B 162 4.49 -31.99 -5.36
N LYS B 163 4.17 -32.16 -4.08
CA LYS B 163 3.70 -33.44 -3.58
C LYS B 163 2.20 -33.48 -3.31
N HIS B 164 1.57 -32.33 -3.11
CA HIS B 164 0.14 -32.27 -2.82
C HIS B 164 -0.34 -30.85 -3.08
N SER B 165 -1.56 -30.72 -3.58
CA SER B 165 -2.16 -29.40 -3.74
C SER B 165 -3.66 -29.53 -3.52
N GLN B 166 -4.20 -28.72 -2.61
CA GLN B 166 -5.61 -28.81 -2.25
C GLN B 166 -6.13 -27.45 -1.80
N SER B 167 -7.41 -27.21 -2.08
CA SER B 167 -8.12 -26.02 -1.66
C SER B 167 -9.21 -26.42 -0.68
N PHE B 168 -9.37 -25.65 0.38
CA PHE B 168 -10.35 -25.93 1.42
C PHE B 168 -11.23 -24.70 1.65
N ASP B 169 -12.54 -24.90 1.78
CA ASP B 169 -13.47 -23.79 1.97
C ASP B 169 -13.41 -23.27 3.41
N ILE B 170 -12.20 -22.90 3.81
CA ILE B 170 -11.95 -22.19 5.05
C ILE B 170 -11.27 -20.88 4.71
N GLY B 171 -11.89 -19.78 5.15
CA GLY B 171 -11.37 -18.44 4.88
C GLY B 171 -11.78 -17.50 5.99
N THR B 172 -11.16 -16.32 5.98
CA THR B 172 -11.36 -15.35 7.05
C THR B 172 -12.81 -14.85 7.10
N VAL B 173 -13.37 -14.44 5.96
CA VAL B 173 -14.75 -13.95 5.97
C VAL B 173 -15.74 -15.08 6.22
N ARG B 174 -15.46 -16.27 5.68
CA ARG B 174 -16.33 -17.41 5.97
C ARG B 174 -16.32 -17.75 7.45
N LEU B 175 -15.16 -17.58 8.11
CA LEU B 175 -15.08 -17.84 9.54
C LEU B 175 -15.81 -16.78 10.36
N LEU B 176 -15.67 -15.50 9.99
CA LEU B 176 -16.37 -14.45 10.75
C LEU B 176 -17.87 -14.61 10.64
N SER B 177 -18.33 -15.15 9.52
CA SER B 177 -19.74 -15.40 9.28
C SER B 177 -20.19 -16.71 9.91
N GLU B 178 -19.28 -17.46 10.52
CA GLU B 178 -19.62 -18.76 11.11
C GLU B 178 -20.33 -19.62 10.07
N LYS B 179 -19.72 -19.70 8.88
CA LYS B 179 -20.25 -20.51 7.81
C LYS B 179 -19.29 -21.58 7.32
N VAL B 180 -18.17 -21.81 8.01
CA VAL B 180 -17.25 -22.88 7.63
C VAL B 180 -17.84 -24.21 8.08
N ARG B 181 -18.12 -25.06 7.09
CA ARG B 181 -18.69 -26.39 7.35
C ARG B 181 -17.75 -27.23 8.24
N PRO B 182 -18.22 -27.92 9.31
CA PRO B 182 -17.26 -28.65 10.16
C PRO B 182 -16.50 -29.74 9.43
N TYR B 183 -17.11 -30.36 8.42
CA TYR B 183 -16.45 -31.41 7.67
C TYR B 183 -15.17 -30.89 6.99
N VAL B 184 -15.19 -29.62 6.54
CA VAL B 184 -14.03 -29.01 5.89
C VAL B 184 -12.90 -28.78 6.87
N ARG B 185 -13.23 -28.33 8.09
CA ARG B 185 -12.21 -28.16 9.12
C ARG B 185 -11.54 -29.49 9.45
N GLU B 186 -12.34 -30.55 9.44
CA GLU B 186 -11.81 -31.90 9.74
C GLU B 186 -10.88 -32.34 8.60
N ALA B 187 -11.27 -32.05 7.36
CA ALA B 187 -10.44 -32.44 6.23
C ALA B 187 -9.12 -31.68 6.24
N PHE B 188 -9.16 -30.38 6.54
CA PHE B 188 -7.95 -29.58 6.64
C PHE B 188 -6.99 -30.17 7.68
N ARG B 189 -7.51 -30.49 8.86
CA ARG B 189 -6.70 -31.04 9.93
C ARG B 189 -6.15 -32.42 9.57
N SER B 190 -6.97 -33.27 8.96
CA SER B 190 -6.52 -34.61 8.57
C SER B 190 -5.39 -34.55 7.55
N GLU B 191 -5.53 -33.69 6.55
CA GLU B 191 -4.46 -33.54 5.57
C GLU B 191 -3.19 -33.02 6.23
N LEU B 192 -3.33 -32.05 7.14
CA LEU B 192 -2.16 -31.51 7.82
C LEU B 192 -1.48 -32.58 8.64
N MET B 193 -2.27 -33.47 9.27
CA MET B 193 -1.67 -34.53 10.07
C MET B 193 -0.97 -35.54 9.18
N ALA B 194 -1.56 -35.86 8.03
CA ALA B 194 -0.94 -36.83 7.14
C ALA B 194 0.38 -36.28 6.58
N ILE B 195 0.44 -34.98 6.30
CA ILE B 195 1.68 -34.37 5.85
C ILE B 195 2.75 -34.47 6.93
N THR B 196 2.39 -34.14 8.17
CA THR B 196 3.35 -34.12 9.26
C THR B 196 3.89 -35.52 9.55
N LYS B 197 3.02 -36.52 9.46
CA LYS B 197 3.43 -37.90 9.64
C LYS B 197 4.54 -38.29 8.66
N GLU B 198 4.57 -37.67 7.48
CA GLU B 198 5.43 -38.11 6.39
C GLU B 198 6.56 -37.14 6.06
N TYR B 199 6.47 -35.87 6.44
CA TYR B 199 7.51 -34.88 6.15
C TYR B 199 7.92 -34.15 7.43
N THR B 200 9.22 -34.03 7.65
CA THR B 200 9.78 -33.33 8.80
C THR B 200 10.30 -31.95 8.40
N ASP B 201 10.64 -31.17 9.42
CA ASP B 201 11.30 -29.86 9.27
C ASP B 201 10.63 -29.03 8.18
N ILE B 202 9.34 -28.78 8.40
CA ILE B 202 8.53 -28.06 7.43
C ILE B 202 8.70 -26.56 7.66
N THR B 203 8.86 -25.81 6.56
CA THR B 203 8.76 -24.36 6.59
C THR B 203 7.48 -23.92 5.87
N ILE B 204 6.74 -23.00 6.46
CA ILE B 204 5.54 -22.46 5.83
C ILE B 204 5.94 -21.29 4.93
N ILE B 205 5.43 -21.28 3.71
CA ILE B 205 5.49 -20.11 2.83
C ILE B 205 4.09 -19.50 2.84
N GLY B 206 3.92 -18.36 3.49
CA GLY B 206 2.60 -17.79 3.73
C GLY B 206 2.32 -16.61 2.81
N THR B 207 1.11 -16.57 2.27
CA THR B 207 0.68 -15.46 1.43
C THR B 207 -0.74 -15.06 1.81
N GLY B 208 -1.11 -13.86 1.36
CA GLY B 208 -2.37 -13.22 1.69
C GLY B 208 -2.10 -11.81 2.18
N GLY B 209 -3.08 -10.92 2.05
CA GLY B 209 -2.96 -9.62 2.66
C GLY B 209 -2.76 -9.69 4.16
N ASN B 210 -3.37 -10.69 4.81
CA ASN B 210 -3.29 -10.75 6.27
C ASN B 210 -1.88 -11.07 6.75
N ILE B 211 -1.21 -12.04 6.11
CA ILE B 211 0.11 -12.47 6.60
C ILE B 211 1.12 -11.34 6.44
N ASN B 212 1.02 -10.56 5.38
CA ASN B 212 1.99 -9.48 5.21
C ASN B 212 1.86 -8.47 6.33
N ARG B 213 0.63 -8.19 6.75
CA ARG B 213 0.43 -7.28 7.88
C ARG B 213 0.90 -7.91 9.19
N LEU B 214 0.61 -9.20 9.40
CA LEU B 214 1.01 -9.85 10.65
C LEU B 214 2.53 -9.89 10.77
N VAL B 215 3.22 -10.07 9.66
CA VAL B 215 4.68 -10.01 9.63
C VAL B 215 5.20 -8.68 10.13
N ARG B 216 4.59 -7.57 9.72
CA ARG B 216 5.10 -6.28 10.14
C ARG B 216 4.79 -6.01 11.60
N LEU B 217 3.58 -6.37 12.05
CA LEU B 217 3.22 -6.22 13.47
C LEU B 217 4.13 -7.04 14.38
N SER B 218 4.65 -8.17 13.88
CA SER B 218 5.54 -9.04 14.63
C SER B 218 7.00 -8.62 14.57
N GLY B 219 7.31 -7.47 14.00
CA GLY B 219 8.69 -7.07 13.89
C GLY B 219 9.51 -7.89 12.91
N SER B 220 8.90 -8.47 11.88
CA SER B 220 9.64 -9.29 10.92
C SER B 220 9.56 -8.74 9.49
N ASP B 221 9.28 -7.45 9.34
CA ASP B 221 9.35 -6.79 8.04
C ASP B 221 10.69 -7.08 7.39
N ARG B 222 10.69 -7.30 6.07
CA ARG B 222 11.96 -7.61 5.40
C ARG B 222 12.84 -6.38 5.32
N GLY B 223 12.28 -5.25 4.88
CA GLY B 223 13.06 -4.06 4.63
C GLY B 223 14.14 -4.32 3.60
N SER B 224 15.39 -4.35 4.05
CA SER B 224 16.52 -4.54 3.15
C SER B 224 16.87 -6.01 2.92
N SER B 225 16.20 -6.95 3.58
CA SER B 225 16.43 -8.36 3.33
C SER B 225 15.69 -8.81 2.07
N ARG B 226 16.00 -10.03 1.62
CA ARG B 226 15.29 -10.57 0.47
C ARG B 226 13.86 -10.96 0.83
N TYR B 227 13.68 -11.66 1.95
CA TYR B 227 12.37 -12.13 2.38
C TYR B 227 12.08 -11.71 3.80
N SER B 228 10.80 -11.49 4.09
CA SER B 228 10.34 -11.39 5.47
C SER B 228 10.23 -12.81 6.03
N ILE B 229 10.79 -13.02 7.23
CA ILE B 229 10.84 -14.34 7.85
C ILE B 229 10.38 -14.17 9.28
N MET B 230 9.21 -14.72 9.61
CA MET B 230 8.61 -14.56 10.92
C MET B 230 8.65 -15.87 11.67
N PRO B 231 9.34 -15.95 12.83
CA PRO B 231 9.18 -17.13 13.68
C PRO B 231 7.72 -17.29 14.10
N VAL B 232 7.26 -18.54 14.12
CA VAL B 232 5.89 -18.79 14.54
C VAL B 232 5.64 -18.27 15.95
N GLU B 233 6.66 -18.32 16.82
CA GLU B 233 6.53 -17.77 18.17
C GLU B 233 6.13 -16.30 18.12
N ALA B 234 6.69 -15.55 17.17
CA ALA B 234 6.38 -14.12 17.08
C ALA B 234 4.95 -13.92 16.61
N LEU B 235 4.47 -14.75 15.68
CA LEU B 235 3.07 -14.69 15.29
C LEU B 235 2.16 -14.96 16.48
N HIS B 236 2.54 -15.93 17.31
CA HIS B 236 1.71 -16.28 18.45
C HIS B 236 1.60 -15.12 19.44
N LYS B 237 2.71 -14.41 19.69
CA LYS B 237 2.68 -13.23 20.55
C LYS B 237 1.87 -12.09 19.92
N THR B 238 2.05 -11.87 18.61
CA THR B 238 1.24 -10.87 17.90
C THR B 238 -0.24 -11.23 17.98
N TYR B 239 -0.57 -12.52 17.87
CA TYR B 239 -1.96 -12.93 18.02
C TYR B 239 -2.47 -12.61 19.42
N ASP B 240 -1.66 -12.89 20.44
CA ASP B 240 -2.10 -12.64 21.82
C ASP B 240 -2.25 -11.16 22.08
N LEU B 241 -1.44 -10.34 21.41
CA LEU B 241 -1.59 -8.90 21.51
C LEU B 241 -2.90 -8.42 20.87
N LEU B 242 -3.29 -9.01 19.73
CA LEU B 242 -4.42 -8.50 18.97
C LEU B 242 -5.77 -9.05 19.41
N LYS B 243 -5.81 -10.31 19.85
CA LYS B 243 -7.08 -11.00 20.08
C LYS B 243 -7.99 -10.32 21.11
N PRO B 244 -7.55 -10.01 22.33
CA PRO B 244 -8.52 -9.58 23.36
C PRO B 244 -9.11 -8.21 23.07
N ILE B 245 -8.39 -7.38 22.31
CA ILE B 245 -8.80 -6.03 21.98
C ILE B 245 -9.98 -6.05 21.02
N SER B 246 -10.84 -5.03 21.10
CA SER B 246 -11.96 -4.92 20.18
C SER B 246 -11.49 -4.56 18.77
N THR B 247 -12.33 -4.88 17.78
CA THR B 247 -11.98 -4.64 16.39
C THR B 247 -11.67 -3.17 16.14
N GLU B 248 -12.50 -2.29 16.68
CA GLU B 248 -12.23 -0.88 16.46
C GLU B 248 -10.98 -0.44 17.19
N GLU B 249 -10.64 -0.99 18.35
CA GLU B 249 -9.44 -0.47 19.07
C GLU B 249 -8.19 -0.88 18.30
N ARG B 250 -8.11 -2.12 17.85
CA ARG B 250 -7.05 -2.65 16.99
C ARG B 250 -6.81 -1.76 15.78
N MET B 251 -7.89 -1.37 15.10
CA MET B 251 -7.83 -0.41 14.02
C MET B 251 -7.01 0.81 14.41
N VAL B 252 -7.41 1.47 15.49
CA VAL B 252 -6.75 2.71 15.89
C VAL B 252 -5.36 2.43 16.44
N ARG B 253 -5.25 1.52 17.40
CA ARG B 253 -3.98 1.27 18.09
C ARG B 253 -2.92 0.73 17.14
N PHE B 254 -3.26 -0.28 16.33
CA PHE B 254 -2.25 -0.92 15.48
C PHE B 254 -2.34 -0.51 14.03
N HIS B 255 -3.09 0.56 13.72
CA HIS B 255 -3.11 1.18 12.39
C HIS B 255 -3.52 0.19 11.31
N LEU B 256 -4.59 -0.54 11.59
CA LEU B 256 -5.17 -1.49 10.65
C LEU B 256 -6.39 -0.87 9.98
N LYS B 257 -6.49 -1.03 8.67
CA LYS B 257 -7.70 -0.63 7.99
C LYS B 257 -8.87 -1.46 8.51
N PRO B 258 -10.10 -0.92 8.44
CA PRO B 258 -11.25 -1.63 9.03
C PRO B 258 -11.50 -3.00 8.42
N ASP B 259 -11.32 -3.15 7.10
CA ASP B 259 -11.50 -4.44 6.45
C ASP B 259 -10.38 -5.42 6.78
N ARG B 260 -9.33 -4.95 7.42
CA ARG B 260 -8.23 -5.82 7.83
C ARG B 260 -8.31 -6.17 9.30
N ALA B 261 -8.87 -5.27 10.12
CA ALA B 261 -8.80 -5.42 11.57
C ALA B 261 -9.68 -6.54 12.10
N ASP B 262 -10.71 -6.95 11.38
CA ASP B 262 -11.47 -8.13 11.83
C ASP B 262 -10.91 -9.43 11.27
N VAL B 263 -10.63 -9.48 9.96
CA VAL B 263 -10.18 -10.75 9.36
C VAL B 263 -8.79 -11.17 9.80
N ILE B 264 -8.01 -10.27 10.40
CA ILE B 264 -6.65 -10.65 10.77
C ILE B 264 -6.63 -11.73 11.84
N ILE B 265 -7.69 -11.83 12.65
CA ILE B 265 -7.77 -12.79 13.74
C ILE B 265 -7.93 -14.20 13.19
N PRO B 266 -8.97 -14.51 12.40
CA PRO B 266 -9.08 -15.90 11.88
C PRO B 266 -7.94 -16.28 10.96
N ALA B 267 -7.33 -15.30 10.26
CA ALA B 267 -6.16 -15.60 9.44
C ALA B 267 -5.00 -16.07 10.31
N ALA B 268 -4.69 -15.33 11.37
CA ALA B 268 -3.68 -15.78 12.33
C ALA B 268 -3.97 -17.18 12.84
N GLU B 269 -5.24 -17.45 13.16
CA GLU B 269 -5.63 -18.74 13.72
C GLU B 269 -5.41 -19.87 12.71
N ILE B 270 -5.70 -19.61 11.43
CA ILE B 270 -5.44 -20.63 10.42
C ILE B 270 -3.94 -20.91 10.34
N PHE B 271 -3.13 -19.86 10.29
CA PHE B 271 -1.68 -20.03 10.22
C PHE B 271 -1.12 -20.74 11.44
N LEU B 272 -1.61 -20.38 12.65
CA LEU B 272 -1.13 -21.02 13.86
C LEU B 272 -1.54 -22.49 13.94
N GLU B 273 -2.71 -22.83 13.41
CA GLU B 273 -3.14 -24.22 13.37
C GLU B 273 -2.22 -25.03 12.48
N VAL B 274 -1.91 -24.50 11.28
CA VAL B 274 -0.97 -25.18 10.39
C VAL B 274 0.38 -25.38 11.09
N ALA B 275 0.88 -24.33 11.74
CA ALA B 275 2.17 -24.43 12.42
C ALA B 275 2.11 -25.38 13.62
N ASP B 276 1.03 -25.32 14.40
N ASP B 276 1.04 -25.30 14.43
CA ASP B 276 0.92 -26.18 15.57
CA ASP B 276 0.91 -26.20 15.57
C ASP B 276 0.88 -27.66 15.17
C ASP B 276 0.94 -27.66 15.13
N ILE B 277 0.14 -27.99 14.10
CA ILE B 277 0.04 -29.40 13.68
C ILE B 277 1.32 -29.86 12.99
N THR B 278 1.92 -29.04 12.14
CA THR B 278 3.11 -29.48 11.43
C THR B 278 4.39 -29.25 12.23
N GLY B 279 4.34 -28.49 13.31
CA GLY B 279 5.57 -28.14 14.00
C GLY B 279 6.48 -27.21 13.24
N ALA B 280 5.97 -26.50 12.23
CA ALA B 280 6.81 -25.54 11.53
C ALA B 280 7.23 -24.43 12.46
N LYS B 281 8.50 -24.05 12.38
CA LYS B 281 9.03 -23.02 13.24
C LYS B 281 9.03 -21.63 12.61
N THR B 282 8.94 -21.57 11.28
CA THR B 282 9.17 -20.35 10.52
C THR B 282 8.09 -20.18 9.45
N ILE B 283 7.75 -18.92 9.17
CA ILE B 283 6.87 -18.55 8.08
C ILE B 283 7.65 -17.60 7.19
N ILE B 284 7.88 -17.99 5.93
CA ILE B 284 8.43 -17.08 4.94
C ILE B 284 7.27 -16.41 4.21
N ALA B 285 7.30 -15.07 4.16
CA ALA B 285 6.26 -14.28 3.51
C ALA B 285 6.88 -13.56 2.33
N PRO B 286 6.80 -14.13 1.12
CA PRO B 286 7.45 -13.51 -0.04
C PRO B 286 6.67 -12.38 -0.69
N ILE B 287 5.48 -12.04 -0.18
CA ILE B 287 4.71 -10.88 -0.64
C ILE B 287 4.37 -11.06 -2.11
N VAL B 288 3.95 -12.28 -2.47
CA VAL B 288 3.37 -12.57 -3.78
C VAL B 288 2.08 -13.32 -3.51
N GLY B 289 1.20 -13.32 -4.50
CA GLY B 289 -0.09 -13.96 -4.35
C GLY B 289 -0.68 -14.39 -5.68
N LEU B 290 -1.99 -14.59 -5.70
CA LEU B 290 -2.65 -15.06 -6.90
C LEU B 290 -2.42 -14.11 -8.07
N ALA B 291 -2.51 -12.80 -7.81
CA ALA B 291 -2.33 -11.83 -8.89
C ALA B 291 -0.97 -11.95 -9.56
N ASP B 292 0.08 -12.21 -8.78
CA ASP B 292 1.39 -12.46 -9.37
C ASP B 292 1.39 -13.71 -10.23
N GLY B 293 0.58 -14.70 -9.86
CA GLY B 293 0.49 -15.91 -10.66
C GLY B 293 -0.19 -15.64 -12.00
N ILE B 294 -1.23 -14.79 -12.01
CA ILE B 294 -1.83 -14.41 -13.27
C ILE B 294 -0.80 -13.75 -14.17
N ILE B 295 0.00 -12.83 -13.61
CA ILE B 295 0.93 -12.08 -14.44
C ILE B 295 2.03 -12.98 -14.97
N GLU B 296 2.52 -13.91 -14.14
CA GLU B 296 3.46 -14.91 -14.63
C GLU B 296 2.88 -15.65 -15.84
N ASP B 297 1.62 -16.07 -15.75
CA ASP B 297 0.98 -16.79 -16.85
C ASP B 297 0.90 -15.92 -18.11
N LEU B 298 0.53 -14.65 -17.95
CA LEU B 298 0.44 -13.76 -19.10
C LEU B 298 1.81 -13.53 -19.72
N TYR B 299 2.84 -13.39 -18.89
CA TYR B 299 4.20 -13.22 -19.39
C TYR B 299 4.66 -14.45 -20.15
N ILE B 300 4.39 -15.65 -19.62
CA ILE B 300 4.73 -16.88 -20.33
C ILE B 300 4.05 -16.93 -21.69
N ARG B 301 2.76 -16.54 -21.73
CA ARG B 301 2.00 -16.63 -22.97
C ARG B 301 2.58 -15.73 -24.07
N HIS B 302 3.20 -14.61 -23.71
CA HIS B 302 3.67 -13.67 -24.71
C HIS B 302 5.20 -13.72 -24.92
N GLN B 303 5.89 -14.67 -24.30
CA GLN B 303 7.34 -14.77 -24.49
C GLN B 303 7.70 -15.68 -25.68
S SO4 C . 5.13 17.80 -4.55
O1 SO4 C . 6.42 18.46 -4.29
O2 SO4 C . 4.45 18.41 -5.68
O3 SO4 C . 4.33 17.89 -3.34
O4 SO4 C . 5.34 16.38 -4.87
S SO4 D . 5.93 10.36 -3.63
O1 SO4 D . 7.20 9.81 -4.14
O2 SO4 D . 6.22 11.54 -2.81
O3 SO4 D . 5.12 10.72 -4.79
O4 SO4 D . 5.18 9.40 -2.80
S SO4 E . 5.85 -4.11 0.43
O1 SO4 E . 5.21 -2.79 0.37
O2 SO4 E . 7.26 -3.92 0.77
O3 SO4 E . 5.77 -4.80 -0.86
O4 SO4 E . 5.19 -4.89 1.48
S SO4 F . 6.28 2.82 -2.26
O1 SO4 F . 5.90 4.24 -2.27
O2 SO4 F . 7.52 2.65 -1.51
O3 SO4 F . 6.57 2.39 -3.63
O4 SO4 F . 5.17 2.05 -1.66
MG MG G . 3.25 16.69 -2.13
MG MG H . -5.88 22.28 8.29
MG MG I . 5.58 19.83 -2.50
S SO4 J . -3.42 -3.66 4.41
O1 SO4 J . -2.84 -4.36 5.56
O2 SO4 J . -2.47 -2.67 3.87
O3 SO4 J . -4.64 -2.99 4.87
O4 SO4 J . -3.78 -4.63 3.37
S SO4 K . -10.47 -15.90 -1.56
O1 SO4 K . -9.22 -16.14 -2.29
O2 SO4 K . -10.46 -14.60 -0.89
O3 SO4 K . -11.58 -15.84 -2.52
O4 SO4 K . -10.73 -17.00 -0.62
S SO4 L . -7.14 -9.62 1.70
O1 SO4 L . -6.11 -8.62 1.41
O2 SO4 L . -7.61 -9.50 3.08
O3 SO4 L . -8.29 -9.39 0.83
O4 SO4 L . -6.58 -10.94 1.50
S SO4 M . 1.41 1.42 6.61
O1 SO4 M . 0.76 2.71 6.39
O2 SO4 M . 2.54 1.65 7.51
O3 SO4 M . 1.89 0.85 5.35
O4 SO4 M . 0.46 0.51 7.23
MG MG N . -7.77 -14.98 -2.91
MG MG O . 1.09 -20.26 -13.72
MG MG P . -9.48 -18.34 -1.93
MG MG Q . -2.74 -14.12 4.22
#